data_5NBA
#
_entry.id   5NBA
#
_cell.length_a   55.437
_cell.length_b   49.727
_cell.length_c   39.026
_cell.angle_alpha   90.00
_cell.angle_beta   106.82
_cell.angle_gamma   90.00
#
_symmetry.space_group_name_H-M   'P 1 21 1'
#
loop_
_entity.id
_entity.type
_entity.pdbx_description
1 polymer 'Complement factor D'
2 non-polymer (2~{S},4~{R})-~{N}1-(1-aminocarbonylindol-3-yl)-4-fluoranyl-~{N}2-[3-(trifluoromethyloxy)phenyl]pyrrolidine-1,2-dicarboxamide
3 water water
#
_entity_poly.entity_id   1
_entity_poly.type   'polypeptide(L)'
_entity_poly.pdbx_seq_one_letter_code
;ILGGREAEAHARPYMASVQLNGAHLCGGVLVAEQWVLSAAHCLEDAADGKVQVLLGAHSLSQPEPSKRLYDVLRAVPHPD
SQPDTIDHDLLLLQLSEKATLGPAVRPLPWQRVDRDVAPGTLCDVAGWGIVNHAGRRPDSLQHVLLPVLDRATCNRRTHH
DGAITERLMCAESNRRDSCKGDSGGPLVCGGVLEGVVTSGSRVCGNRKKPGIYTRVASYAAWIDSVLASA
;
_entity_poly.pdbx_strand_id   A
#
loop_
_chem_comp.id
_chem_comp.type
_chem_comp.name
_chem_comp.formula
8S5 non-polymer (2~{S},4~{R})-~{N}1-(1-aminocarbonylindol-3-yl)-4-fluoranyl-~{N}2-[3-(trifluoromethyloxy)phenyl]pyrrolidine-1,2-dicarboxamide 'C22 H19 F4 N5 O4'
#
# COMPACT_ATOMS: atom_id res chain seq x y z
N ILE A 1 -2.85 -5.62 9.37
CA ILE A 1 -1.73 -6.60 9.33
C ILE A 1 -2.07 -7.71 10.34
N LEU A 2 -2.19 -8.95 9.86
CA LEU A 2 -2.38 -10.12 10.77
C LEU A 2 -1.01 -10.67 11.08
N GLY A 3 -0.84 -11.12 12.32
CA GLY A 3 0.40 -11.70 12.75
C GLY A 3 1.62 -10.84 12.75
N GLY A 4 1.47 -9.51 12.83
CA GLY A 4 2.64 -8.62 12.83
C GLY A 4 3.10 -8.16 14.20
N ARG A 5 3.84 -7.06 14.25
CA ARG A 5 4.31 -6.42 15.52
C ARG A 5 4.20 -4.88 15.37
N GLU A 6 4.12 -4.11 16.48
CA GLU A 6 4.14 -2.65 16.37
C GLU A 6 5.43 -2.18 15.70
N ALA A 7 5.32 -1.38 14.64
CA ALA A 7 6.49 -0.80 14.00
C ALA A 7 7.24 0.20 14.92
N GLU A 8 8.54 0.42 14.69
CA GLU A 8 9.27 1.51 15.36
C GLU A 8 8.69 2.84 14.89
N ALA A 9 8.42 3.74 15.83
CA ALA A 9 7.83 5.01 15.44
C ALA A 9 8.68 5.80 14.42
N HIS A 10 8.05 6.16 13.30
CA HIS A 10 8.61 7.03 12.30
C HIS A 10 9.75 6.43 11.46
N ALA A 11 9.95 5.12 11.57
CA ALA A 11 11.04 4.47 10.86
C ALA A 11 10.70 4.26 9.41
N ARG A 12 9.44 4.43 9.03
CA ARG A 12 8.97 4.37 7.67
C ARG A 12 8.33 5.75 7.28
N PRO A 13 9.19 6.77 7.02
CA PRO A 13 8.71 8.14 6.82
C PRO A 13 7.86 8.40 5.57
N TYR A 14 7.86 7.44 4.66
CA TYR A 14 7.00 7.37 3.48
C TYR A 14 5.59 6.90 3.78
N MET A 15 5.32 6.42 4.98
CA MET A 15 4.02 5.76 5.23
C MET A 15 2.92 6.83 5.38
N ALA A 16 1.82 6.65 4.65
CA ALA A 16 0.62 7.53 4.71
C ALA A 16 -0.60 6.76 5.22
N SER A 17 -1.47 7.45 5.98
CA SER A 17 -2.84 6.93 6.19
C SER A 17 -3.81 7.78 5.34
N VAL A 18 -4.49 7.13 4.39
CA VAL A 18 -5.50 7.72 3.51
C VAL A 18 -6.86 7.64 4.24
N GLN A 19 -7.45 8.81 4.47
CA GLN A 19 -8.59 8.91 5.42
C GLN A 19 -9.82 9.47 4.73
N LEU A 20 -10.98 9.04 5.21
CA LEU A 20 -12.29 9.59 4.79
C LEU A 20 -12.94 10.10 6.06
N ASN A 21 -13.16 11.42 6.11
CA ASN A 21 -13.75 12.08 7.27
C ASN A 21 -12.95 11.82 8.56
N GLY A 22 -11.63 12.00 8.49
CA GLY A 22 -10.73 11.71 9.60
C GLY A 22 -10.70 10.30 10.13
N ALA A 23 -11.16 9.31 9.36
CA ALA A 23 -11.01 7.86 9.75
C ALA A 23 -10.17 7.14 8.70
N HIS A 24 -9.29 6.28 9.21
CA HIS A 24 -8.36 5.54 8.41
C HIS A 24 -9.14 4.61 7.51
N LEU A 25 -8.78 4.63 6.23
CA LEU A 25 -9.42 3.76 5.24
C LEU A 25 -8.42 2.84 4.47
N CYS A 26 -7.25 3.36 4.15
CA CYS A 26 -6.26 2.70 3.35
C CYS A 26 -4.89 3.19 3.74
N GLY A 27 -3.89 2.34 3.46
CA GLY A 27 -2.50 2.74 3.47
C GLY A 27 -2.21 3.57 2.23
N GLY A 28 -1.08 4.28 2.29
CA GLY A 28 -0.55 4.98 1.13
C GLY A 28 0.94 5.14 1.28
N VAL A 29 1.60 5.59 0.21
CA VAL A 29 3.01 5.77 0.13
C VAL A 29 3.37 7.08 -0.52
N LEU A 30 4.07 7.95 0.20
CA LEU A 30 4.55 9.19 -0.35
C LEU A 30 5.64 8.87 -1.37
N VAL A 31 5.38 9.30 -2.59
CA VAL A 31 6.28 9.01 -3.75
C VAL A 31 6.86 10.22 -4.43
N ALA A 32 6.31 11.40 -4.12
CA ALA A 32 6.87 12.69 -4.59
C ALA A 32 6.47 13.68 -3.50
N GLU A 33 6.99 14.89 -3.60
CA GLU A 33 6.72 15.89 -2.59
C GLU A 33 5.24 16.16 -2.43
N GLN A 34 4.46 16.08 -3.49
CA GLN A 34 3.04 16.40 -3.44
C GLN A 34 2.08 15.27 -3.79
N TRP A 35 2.59 14.02 -3.83
CA TRP A 35 1.81 12.92 -4.37
C TRP A 35 1.98 11.68 -3.51
N VAL A 36 0.84 11.06 -3.20
CA VAL A 36 0.76 9.79 -2.42
C VAL A 36 0.11 8.71 -3.33
N LEU A 37 0.78 7.55 -3.44
CA LEU A 37 0.26 6.42 -4.13
C LEU A 37 -0.53 5.48 -3.21
N SER A 38 -1.68 4.99 -3.68
CA SER A 38 -2.56 4.13 -2.92
C SER A 38 -3.30 3.19 -3.90
N ALA A 39 -4.40 2.59 -3.51
CA ALA A 39 -5.12 1.63 -4.39
C ALA A 39 -6.48 2.19 -4.86
N ALA A 40 -6.88 1.74 -6.04
CA ALA A 40 -8.01 2.34 -6.77
C ALA A 40 -9.37 2.25 -6.02
N HIS A 41 -9.64 1.18 -5.27
CA HIS A 41 -10.96 1.08 -4.62
C HIS A 41 -11.09 1.86 -3.32
N CYS A 42 -9.97 2.47 -2.86
CA CYS A 42 -9.95 3.33 -1.67
C CYS A 42 -10.89 4.57 -1.77
N LEU A 43 -11.13 5.05 -2.96
CA LEU A 43 -12.01 6.20 -3.21
C LEU A 43 -13.50 5.80 -3.43
N GLU A 44 -13.81 4.51 -3.58
CA GLU A 44 -15.11 4.02 -4.08
C GLU A 44 -16.31 4.45 -3.26
N LYS A 50 -15.02 13.18 2.03
CA LYS A 50 -13.92 14.05 2.51
C LYS A 50 -12.51 13.37 2.73
N VAL A 51 -11.69 13.48 1.68
CA VAL A 51 -10.46 12.69 1.55
C VAL A 51 -9.23 13.46 2.03
N GLN A 52 -8.54 12.91 3.05
CA GLN A 52 -7.35 13.53 3.58
C GLN A 52 -6.23 12.53 3.70
N VAL A 53 -5.00 13.01 3.79
CA VAL A 53 -3.82 12.11 3.95
C VAL A 53 -2.99 12.50 5.14
N LEU A 54 -2.83 11.54 6.02
CA LEU A 54 -2.10 11.76 7.22
C LEU A 54 -0.68 11.30 6.98
N LEU A 55 0.28 12.25 7.09
CA LEU A 55 1.76 11.95 7.00
C LEU A 55 2.48 12.17 8.36
N GLY A 56 3.63 11.50 8.55
CA GLY A 56 4.43 11.65 9.73
C GLY A 56 3.91 10.99 11.00
N ALA A 57 3.02 10.02 10.83
CA ALA A 57 2.30 9.45 11.94
C ALA A 57 2.84 8.10 12.36
N HIS A 58 2.61 7.82 13.64
CA HIS A 58 2.70 6.49 14.19
C HIS A 58 1.31 6.10 14.78
N SER A 59 0.84 6.85 15.74
CA SER A 59 -0.52 6.75 16.29
C SER A 59 -1.51 7.54 15.40
N LEU A 60 -2.66 6.94 15.10
CA LEU A 60 -3.67 7.66 14.37
C LEU A 60 -4.27 8.79 15.27
N SER A 61 -4.19 8.65 16.60
CA SER A 61 -5.00 9.55 17.47
C SER A 61 -4.24 10.51 18.37
N GLN A 62 -2.98 10.21 18.64
CA GLN A 62 -2.20 10.94 19.63
C GLN A 62 -1.40 12.05 18.96
N PRO A 63 -1.14 13.14 19.68
CA PRO A 63 -0.34 14.23 19.11
C PRO A 63 1.13 13.80 18.95
N GLU A 64 1.69 14.06 17.77
CA GLU A 64 3.09 13.80 17.46
C GLU A 64 3.59 15.05 16.67
N PRO A 65 4.80 15.58 16.94
CA PRO A 65 5.27 16.78 16.24
C PRO A 65 5.40 16.68 14.75
N SER A 66 5.72 15.50 14.23
CA SER A 66 5.83 15.28 12.79
C SER A 66 4.48 15.09 12.08
N LYS A 67 3.40 14.81 12.82
CA LYS A 67 2.13 14.39 12.18
C LYS A 67 1.50 15.60 11.49
N ARG A 68 1.01 15.41 10.29
CA ARG A 68 0.30 16.49 9.60
C ARG A 68 -0.74 15.90 8.68
N LEU A 69 -1.96 16.41 8.78
CA LEU A 69 -3.08 15.89 7.98
C LEU A 69 -3.24 16.86 6.81
N TYR A 70 -3.05 16.34 5.58
CA TYR A 70 -3.13 17.12 4.38
C TYR A 70 -4.46 16.94 3.70
N ASP A 71 -5.04 18.05 3.21
CA ASP A 71 -6.12 17.97 2.27
C ASP A 71 -5.62 17.50 0.89
N VAL A 72 -6.55 17.00 0.12
CA VAL A 72 -6.29 16.49 -1.21
C VAL A 72 -6.93 17.38 -2.30
N LEU A 73 -6.07 17.90 -3.19
CA LEU A 73 -6.51 18.70 -4.28
C LEU A 73 -7.19 17.88 -5.40
N ARG A 74 -6.60 16.75 -5.77
CA ARG A 74 -7.18 15.89 -6.83
C ARG A 74 -6.88 14.42 -6.49
N ALA A 75 -7.83 13.56 -6.86
CA ALA A 75 -7.74 12.10 -6.70
C ALA A 75 -7.79 11.54 -8.07
N VAL A 76 -6.83 10.70 -8.39
CA VAL A 76 -6.67 10.20 -9.74
C VAL A 76 -6.63 8.68 -9.69
N PRO A 77 -7.80 8.01 -9.77
CA PRO A 77 -7.77 6.55 -9.85
C PRO A 77 -7.29 6.12 -11.23
N HIS A 78 -6.62 4.97 -11.32
CA HIS A 78 -6.17 4.49 -12.59
C HIS A 78 -7.38 4.40 -13.56
N PRO A 79 -7.26 4.99 -14.77
CA PRO A 79 -8.50 5.04 -15.61
C PRO A 79 -8.98 3.71 -16.16
N ASP A 80 -8.16 2.66 -16.09
CA ASP A 80 -8.59 1.32 -16.49
C ASP A 80 -9.13 0.48 -15.32
N SER A 81 -9.10 1.02 -14.10
CA SER A 81 -9.58 0.32 -12.91
CA SER A 81 -9.59 0.32 -12.92
C SER A 81 -11.12 0.17 -13.00
N GLN A 82 -11.64 -0.93 -12.45
CA GLN A 82 -13.07 -1.24 -12.51
C GLN A 82 -13.46 -1.80 -11.14
N PRO A 83 -14.65 -1.43 -10.64
CA PRO A 83 -15.08 -1.92 -9.31
C PRO A 83 -14.92 -3.42 -9.01
N ASP A 84 -15.19 -4.26 -10.00
N ASP A 84 -15.22 -4.30 -9.96
CA ASP A 84 -15.27 -5.71 -9.79
CA ASP A 84 -15.23 -5.75 -9.64
C ASP A 84 -13.97 -6.49 -9.95
C ASP A 84 -13.95 -6.51 -9.97
N THR A 85 -12.84 -5.79 -10.20
CA THR A 85 -11.58 -6.41 -10.50
C THR A 85 -10.53 -5.82 -9.60
N ILE A 86 -9.41 -6.53 -9.51
CA ILE A 86 -8.20 -5.95 -8.86
C ILE A 86 -7.13 -5.63 -9.92
N ASP A 87 -7.52 -5.48 -11.19
CA ASP A 87 -6.53 -5.07 -12.18
C ASP A 87 -6.35 -3.57 -12.06
N HIS A 88 -5.14 -3.12 -12.35
CA HIS A 88 -4.89 -1.68 -12.44
C HIS A 88 -5.29 -0.93 -11.17
N ASP A 89 -5.00 -1.50 -10.01
CA ASP A 89 -5.62 -1.07 -8.75
C ASP A 89 -4.71 -0.03 -8.05
N LEU A 90 -4.55 1.12 -8.70
CA LEU A 90 -3.69 2.18 -8.24
C LEU A 90 -4.48 3.47 -8.22
N LEU A 91 -4.10 4.33 -7.28
CA LEU A 91 -4.71 5.63 -7.03
C LEU A 91 -3.63 6.64 -6.70
N LEU A 92 -3.61 7.80 -7.35
CA LEU A 92 -2.68 8.81 -6.96
C LEU A 92 -3.46 9.98 -6.35
N LEU A 93 -2.96 10.45 -5.23
CA LEU A 93 -3.54 11.59 -4.51
C LEU A 93 -2.60 12.78 -4.51
N GLN A 94 -3.04 13.90 -5.10
CA GLN A 94 -2.28 15.13 -5.08
C GLN A 94 -2.62 15.94 -3.81
N LEU A 95 -1.64 16.18 -2.94
CA LEU A 95 -1.88 16.92 -1.70
C LEU A 95 -2.14 18.39 -2.03
N SER A 96 -2.87 19.08 -1.17
CA SER A 96 -3.18 20.49 -1.45
CA SER A 96 -3.19 20.52 -1.30
C SER A 96 -1.92 21.37 -1.49
N GLU A 97 -0.83 20.90 -0.90
CA GLU A 97 0.49 21.51 -1.02
C GLU A 97 1.57 20.48 -0.92
N LYS A 98 2.79 20.88 -1.28
CA LYS A 98 3.96 19.99 -1.11
C LYS A 98 4.11 19.67 0.36
N ALA A 99 4.38 18.42 0.68
CA ALA A 99 4.59 17.99 2.04
C ALA A 99 5.86 18.59 2.65
N THR A 100 5.76 18.94 3.90
CA THR A 100 6.93 19.38 4.66
C THR A 100 7.76 18.16 4.97
N LEU A 101 8.96 18.09 4.40
CA LEU A 101 9.82 16.91 4.55
C LEU A 101 10.72 17.01 5.81
N GLY A 102 11.16 15.87 6.30
CA GLY A 102 12.09 15.80 7.42
C GLY A 102 12.39 14.36 7.75
N PRO A 103 13.06 14.06 8.86
CA PRO A 103 13.37 12.65 9.17
C PRO A 103 12.14 11.71 9.32
N ALA A 104 10.94 12.23 9.61
CA ALA A 104 9.74 11.45 9.73
C ALA A 104 8.77 11.54 8.52
N VAL A 105 9.11 12.38 7.53
CA VAL A 105 8.31 12.51 6.30
C VAL A 105 9.28 12.64 5.13
N ARG A 106 9.35 11.58 4.36
CA ARG A 106 10.22 11.49 3.18
C ARG A 106 9.61 10.55 2.14
N PRO A 107 9.70 10.88 0.84
CA PRO A 107 9.21 9.94 -0.17
C PRO A 107 10.14 8.71 -0.35
N LEU A 108 9.54 7.67 -0.88
CA LEU A 108 10.20 6.40 -1.07
C LEU A 108 10.54 6.18 -2.53
N PRO A 109 11.81 5.82 -2.84
CA PRO A 109 12.10 5.53 -4.24
C PRO A 109 11.32 4.32 -4.72
N TRP A 110 10.84 4.37 -5.93
CA TRP A 110 9.96 3.28 -6.40
C TRP A 110 10.54 2.61 -7.65
N GLN A 111 10.28 1.30 -7.75
CA GLN A 111 10.91 0.46 -8.78
C GLN A 111 10.44 0.79 -10.19
N ARG A 112 11.43 0.98 -11.08
CA ARG A 112 11.19 1.22 -12.47
C ARG A 112 11.72 0.13 -13.39
N VAL A 113 12.47 -0.83 -12.88
CA VAL A 113 12.86 -1.96 -13.69
C VAL A 113 11.72 -2.98 -13.70
N ASP A 114 11.07 -3.19 -14.85
CA ASP A 114 9.97 -4.15 -14.95
C ASP A 114 10.49 -5.61 -15.08
N ARG A 115 11.06 -6.13 -14.00
CA ARG A 115 11.46 -7.53 -13.88
C ARG A 115 11.21 -8.03 -12.44
N ASP A 116 10.96 -9.33 -12.26
CA ASP A 116 10.52 -9.83 -10.96
C ASP A 116 11.62 -9.86 -9.96
N VAL A 117 11.23 -9.69 -8.72
CA VAL A 117 12.10 -9.85 -7.56
C VAL A 117 12.40 -11.36 -7.38
N ALA A 118 13.48 -11.72 -6.73
CA ALA A 118 13.80 -13.14 -6.54
C ALA A 118 12.75 -13.77 -5.66
N PRO A 119 12.36 -15.04 -5.94
CA PRO A 119 11.46 -15.75 -5.01
C PRO A 119 12.08 -15.77 -3.64
N GLY A 120 11.26 -15.65 -2.60
CA GLY A 120 11.77 -15.60 -1.26
C GLY A 120 12.31 -14.28 -0.73
N THR A 121 12.47 -13.26 -1.56
CA THR A 121 12.96 -11.94 -1.13
C THR A 121 12.07 -11.46 -0.01
N LEU A 122 12.70 -11.00 1.06
CA LEU A 122 12.01 -10.59 2.27
C LEU A 122 11.58 -9.12 2.13
N CYS A 123 10.27 -8.85 2.11
CA CYS A 123 9.77 -7.52 1.85
C CYS A 123 8.98 -7.08 3.06
N ASP A 124 8.91 -5.78 3.31
CA ASP A 124 8.22 -5.26 4.49
C ASP A 124 6.90 -4.66 4.07
N VAL A 125 5.81 -5.07 4.72
N VAL A 125 5.82 -5.08 4.74
CA VAL A 125 4.52 -4.39 4.54
CA VAL A 125 4.48 -4.49 4.60
C VAL A 125 4.02 -3.87 5.87
C VAL A 125 4.15 -3.82 5.92
N ALA A 126 3.61 -2.61 5.84
CA ALA A 126 3.16 -1.87 7.00
C ALA A 126 1.74 -1.37 6.84
N GLY A 127 1.01 -1.25 7.97
CA GLY A 127 -0.32 -0.65 7.95
C GLY A 127 -1.10 -0.58 9.23
N TRP A 128 -2.20 0.19 9.14
CA TRP A 128 -3.16 0.32 10.23
C TRP A 128 -4.39 -0.58 9.98
N GLY A 129 -4.25 -1.60 9.13
CA GLY A 129 -5.35 -2.50 8.84
C GLY A 129 -5.72 -3.33 10.07
N ILE A 130 -6.80 -4.11 9.93
CA ILE A 130 -7.23 -5.01 11.02
C ILE A 130 -6.17 -6.06 11.43
N VAL A 131 -6.20 -6.40 12.70
CA VAL A 131 -5.13 -7.21 13.30
C VAL A 131 -5.61 -8.58 13.79
N ASN A 132 -6.89 -8.87 13.69
CA ASN A 132 -7.40 -10.25 13.98
C ASN A 132 -8.72 -10.52 13.24
N HIS A 133 -9.21 -11.74 13.41
CA HIS A 133 -10.51 -12.19 12.83
C HIS A 133 -11.79 -11.42 13.29
N ALA A 134 -11.72 -10.89 14.52
CA ALA A 134 -12.77 -10.08 15.07
C ALA A 134 -12.81 -8.69 14.45
N GLY A 135 -11.71 -8.28 13.79
CA GLY A 135 -11.66 -6.96 13.18
C GLY A 135 -11.11 -5.86 14.04
N ARG A 136 -10.31 -6.22 15.03
CA ARG A 136 -9.70 -5.21 15.91
C ARG A 136 -8.80 -4.25 15.07
N ARG A 137 -8.92 -2.96 15.35
CA ARG A 137 -8.27 -1.87 14.59
C ARG A 137 -7.16 -1.37 15.53
N PRO A 138 -5.90 -1.34 15.07
CA PRO A 138 -4.82 -0.82 15.94
C PRO A 138 -4.71 0.69 15.90
N ASP A 139 -4.37 1.30 17.05
CA ASP A 139 -4.11 2.72 17.05
C ASP A 139 -2.75 3.08 16.42
N SER A 140 -1.74 2.21 16.52
CA SER A 140 -0.41 2.49 15.99
CA SER A 140 -0.39 2.47 16.01
C SER A 140 0.01 1.59 14.80
N LEU A 141 0.92 2.10 14.02
CA LEU A 141 1.38 1.37 12.83
C LEU A 141 1.96 -0.05 13.14
N GLN A 142 1.47 -1.04 12.41
CA GLN A 142 1.96 -2.43 12.47
C GLN A 142 2.77 -2.78 11.23
N HIS A 143 3.68 -3.73 11.37
CA HIS A 143 4.31 -4.24 10.15
C HIS A 143 4.59 -5.70 10.19
N VAL A 144 4.94 -6.24 9.01
CA VAL A 144 5.34 -7.67 8.92
C VAL A 144 6.33 -7.86 7.79
N LEU A 145 7.30 -8.77 7.96
CA LEU A 145 8.20 -9.13 6.89
C LEU A 145 7.72 -10.37 6.20
N LEU A 146 7.48 -10.28 4.90
CA LEU A 146 6.88 -11.38 4.12
C LEU A 146 7.82 -11.78 2.95
N PRO A 147 8.01 -13.07 2.75
CA PRO A 147 8.73 -13.55 1.54
C PRO A 147 7.87 -13.44 0.32
N VAL A 148 8.43 -12.90 -0.77
CA VAL A 148 7.75 -12.93 -2.11
C VAL A 148 7.51 -14.41 -2.57
N LEU A 149 6.35 -14.66 -3.18
CA LEU A 149 5.95 -15.97 -3.62
C LEU A 149 5.90 -15.91 -5.11
N ASP A 150 6.60 -16.86 -5.75
CA ASP A 150 6.74 -16.87 -7.19
C ASP A 150 5.35 -16.91 -7.89
N ARG A 151 5.25 -16.32 -9.06
CA ARG A 151 3.98 -16.19 -9.75
C ARG A 151 3.36 -17.51 -10.16
N ALA A 152 4.16 -18.47 -10.62
CA ALA A 152 3.62 -19.76 -11.05
C ALA A 152 2.91 -20.44 -9.89
N THR A 153 3.48 -20.44 -8.68
CA THR A 153 2.76 -21.04 -7.53
C THR A 153 1.48 -20.28 -7.17
N CYS A 154 1.55 -18.97 -7.26
CA CYS A 154 0.43 -18.11 -6.87
C CYS A 154 -0.74 -18.38 -7.80
N ASN A 155 -0.41 -18.71 -9.06
CA ASN A 155 -1.42 -19.03 -10.10
C ASN A 155 -1.94 -20.49 -10.11
N ARG A 156 -1.39 -21.38 -9.28
CA ARG A 156 -1.84 -22.78 -9.28
C ARG A 156 -3.34 -22.84 -8.89
N ARG A 157 -3.99 -23.91 -9.35
CA ARG A 157 -5.44 -24.12 -9.20
C ARG A 157 -5.97 -23.87 -7.78
N THR A 158 -5.28 -24.43 -6.81
CA THR A 158 -5.70 -24.31 -5.41
C THR A 158 -5.38 -22.95 -4.75
N HIS A 159 -4.56 -22.14 -5.40
CA HIS A 159 -4.20 -20.81 -4.86
C HIS A 159 -5.05 -19.76 -5.52
N HIS A 160 -4.54 -18.93 -6.45
CA HIS A 160 -5.36 -17.90 -7.09
C HIS A 160 -5.76 -18.21 -8.54
N ASP A 161 -5.46 -19.40 -9.03
CA ASP A 161 -6.12 -19.98 -10.20
C ASP A 161 -6.09 -19.08 -11.46
N GLY A 162 -4.89 -18.66 -11.86
CA GLY A 162 -4.66 -17.85 -13.06
C GLY A 162 -4.96 -16.37 -12.98
N ALA A 163 -5.40 -15.86 -11.81
CA ALA A 163 -5.75 -14.42 -11.68
C ALA A 163 -4.50 -13.53 -11.63
N ILE A 164 -3.31 -14.09 -11.41
CA ILE A 164 -2.11 -13.30 -11.23
C ILE A 164 -1.43 -12.97 -12.59
N THR A 165 -1.61 -11.74 -13.05
CA THR A 165 -0.99 -11.26 -14.28
C THR A 165 0.46 -10.90 -14.03
N GLU A 166 1.21 -10.58 -15.08
CA GLU A 166 2.56 -10.07 -14.93
C GLU A 166 2.62 -8.70 -14.26
N ARG A 167 1.47 -8.07 -14.10
CA ARG A 167 1.40 -6.72 -13.45
C ARG A 167 1.10 -6.81 -11.97
N LEU A 168 0.93 -8.04 -11.46
CA LEU A 168 0.72 -8.33 -10.04
C LEU A 168 1.83 -9.20 -9.48
N MET A 169 2.02 -9.14 -8.19
CA MET A 169 2.96 -10.06 -7.53
C MET A 169 2.30 -10.58 -6.24
N CYS A 170 2.86 -11.68 -5.73
CA CYS A 170 2.38 -12.29 -4.52
C CYS A 170 3.40 -12.32 -3.41
N ALA A 171 2.88 -12.36 -2.16
CA ALA A 171 3.69 -12.73 -1.00
C ALA A 171 2.97 -13.80 -0.19
N GLU A 172 3.75 -14.57 0.56
CA GLU A 172 3.21 -15.58 1.41
C GLU A 172 2.23 -14.96 2.44
N SER A 173 1.23 -15.76 2.78
CA SER A 173 0.11 -15.33 3.64
C SER A 173 -0.15 -16.32 4.79
N ASN A 174 0.90 -17.00 5.23
CA ASN A 174 0.76 -17.99 6.26
C ASN A 174 0.75 -17.34 7.65
N ARG A 175 -0.44 -17.03 8.14
CA ARG A 175 -0.68 -16.32 9.41
C ARG A 175 -0.20 -14.84 9.41
N ARG A 176 0.98 -14.59 8.88
CA ARG A 176 1.50 -13.23 8.65
C ARG A 176 0.97 -12.74 7.32
N ASP A 177 0.27 -11.61 7.32
CA ASP A 177 -0.41 -11.19 6.09
C ASP A 177 -0.85 -9.73 6.13
N SER A 178 -1.09 -9.20 4.94
CA SER A 178 -1.87 -7.96 4.80
C SER A 178 -3.35 -8.29 4.85
N CYS A 179 -4.14 -7.34 5.33
CA CYS A 179 -5.56 -7.53 5.41
C CYS A 179 -6.37 -6.22 5.16
N LYS A 180 -7.64 -6.24 5.52
CA LYS A 180 -8.54 -5.10 5.38
C LYS A 180 -7.95 -3.84 6.02
N GLY A 181 -7.93 -2.74 5.28
CA GLY A 181 -7.34 -1.50 5.77
C GLY A 181 -5.84 -1.34 5.49
N ASP A 182 -5.15 -2.42 5.06
CA ASP A 182 -3.77 -2.30 4.60
C ASP A 182 -3.68 -1.98 3.08
N SER A 183 -4.78 -2.22 2.37
CA SER A 183 -5.01 -1.69 1.02
C SER A 183 -4.36 -0.37 0.74
N GLY A 184 -3.57 -0.34 -0.31
CA GLY A 184 -2.99 0.93 -0.70
C GLY A 184 -1.61 1.19 -0.14
N GLY A 185 -1.21 0.39 0.84
CA GLY A 185 0.08 0.55 1.46
C GLY A 185 1.22 -0.10 0.72
N PRO A 186 2.49 0.13 1.20
CA PRO A 186 3.70 -0.25 0.50
C PRO A 186 4.20 -1.67 0.79
N LEU A 187 4.53 -2.44 -0.26
CA LEU A 187 5.38 -3.61 -0.15
CA LEU A 187 5.39 -3.60 -0.13
C LEU A 187 6.78 -3.16 -0.58
N VAL A 188 7.72 -3.07 0.38
CA VAL A 188 9.07 -2.53 0.21
C VAL A 188 10.12 -3.67 0.24
N CYS A 189 10.92 -3.74 -0.82
CA CYS A 189 11.95 -4.77 -0.97
C CYS A 189 13.26 -4.06 -1.26
N GLY A 190 14.24 -4.31 -0.41
CA GLY A 190 15.54 -3.63 -0.57
C GLY A 190 15.53 -2.11 -0.56
N GLY A 191 14.65 -1.52 0.24
CA GLY A 191 14.58 -0.10 0.41
C GLY A 191 13.87 0.56 -0.75
N VAL A 192 13.25 -0.21 -1.63
CA VAL A 192 12.57 0.34 -2.82
C VAL A 192 11.10 -0.14 -2.85
N LEU A 193 10.20 0.78 -3.18
CA LEU A 193 8.79 0.42 -3.37
C LEU A 193 8.63 -0.52 -4.56
N GLU A 194 8.11 -1.70 -4.28
CA GLU A 194 7.90 -2.73 -5.29
C GLU A 194 6.45 -2.95 -5.61
N GLY A 195 5.64 -3.06 -4.57
CA GLY A 195 4.23 -3.31 -4.75
C GLY A 195 3.35 -2.42 -3.89
N VAL A 196 2.07 -2.38 -4.27
CA VAL A 196 1.06 -1.74 -3.47
C VAL A 196 0.00 -2.78 -3.08
N VAL A 197 -0.47 -2.76 -1.82
CA VAL A 197 -1.46 -3.74 -1.35
C VAL A 197 -2.75 -3.55 -2.19
N THR A 198 -3.28 -4.64 -2.79
CA THR A 198 -4.58 -4.56 -3.44
C THR A 198 -5.73 -4.25 -2.48
N SER A 199 -6.79 -3.69 -3.02
CA SER A 199 -7.94 -3.23 -2.24
C SER A 199 -9.20 -4.09 -2.56
N GLY A 200 -9.01 -5.27 -3.14
CA GLY A 200 -10.11 -6.23 -3.29
C GLY A 200 -10.20 -7.07 -2.06
N SER A 201 -11.44 -7.37 -1.63
CA SER A 201 -11.62 -8.24 -0.48
C SER A 201 -11.02 -9.62 -0.73
N ARG A 202 -10.44 -10.23 0.30
CA ARG A 202 -9.73 -11.47 0.17
C ARG A 202 -9.53 -12.01 1.53
N VAL A 203 -9.41 -13.33 1.57
CA VAL A 203 -9.16 -13.98 2.82
C VAL A 203 -7.74 -13.63 3.33
N CYS A 204 -7.63 -13.36 4.62
CA CYS A 204 -6.36 -12.97 5.23
C CYS A 204 -5.80 -14.09 6.06
N GLY A 205 -4.46 -14.28 6.02
CA GLY A 205 -3.75 -15.21 6.90
C GLY A 205 -3.81 -16.71 6.52
N ASN A 206 -4.47 -17.05 5.42
CA ASN A 206 -4.51 -18.41 4.89
C ASN A 206 -3.35 -18.61 3.88
N ARG A 207 -2.37 -19.44 4.25
CA ARG A 207 -1.29 -19.86 3.32
C ARG A 207 -1.71 -20.28 1.87
N LYS A 208 -2.91 -20.81 1.68
CA LYS A 208 -3.35 -21.24 0.36
C LYS A 208 -3.89 -20.08 -0.48
N LYS A 209 -3.97 -18.88 0.10
CA LYS A 209 -4.50 -17.71 -0.58
C LYS A 209 -3.56 -16.51 -0.37
N PRO A 210 -2.42 -16.50 -1.14
CA PRO A 210 -1.38 -15.50 -0.93
C PRO A 210 -1.85 -14.05 -1.08
N GLY A 211 -1.10 -13.15 -0.46
CA GLY A 211 -1.37 -11.72 -0.61
C GLY A 211 -1.02 -11.27 -2.02
N ILE A 212 -1.81 -10.32 -2.56
CA ILE A 212 -1.69 -9.80 -3.89
C ILE A 212 -1.34 -8.32 -3.76
N TYR A 213 -0.37 -7.92 -4.58
CA TYR A 213 0.18 -6.57 -4.57
C TYR A 213 0.39 -6.14 -6.03
N THR A 214 -0.02 -4.91 -6.36
CA THR A 214 0.25 -4.36 -7.66
C THR A 214 1.72 -3.96 -7.88
N ARG A 215 2.28 -4.34 -9.04
CA ARG A 215 3.69 -4.06 -9.31
C ARG A 215 3.87 -2.67 -9.87
N VAL A 216 4.47 -1.79 -9.09
CA VAL A 216 4.57 -0.41 -9.52
C VAL A 216 5.37 -0.25 -10.84
N ALA A 217 6.37 -1.09 -11.10
CA ALA A 217 7.15 -0.97 -12.31
C ALA A 217 6.34 -1.18 -13.56
N SER A 218 5.33 -1.99 -13.43
CA SER A 218 4.41 -2.31 -14.54
C SER A 218 3.59 -1.07 -14.95
N TYR A 219 3.43 -0.12 -13.99
CA TYR A 219 2.65 1.12 -14.15
C TYR A 219 3.53 2.37 -14.16
N ALA A 220 4.79 2.21 -14.51
CA ALA A 220 5.74 3.38 -14.52
C ALA A 220 5.26 4.52 -15.45
N ALA A 221 4.73 4.17 -16.61
CA ALA A 221 4.26 5.24 -17.56
C ALA A 221 3.11 6.02 -16.99
N TRP A 222 2.19 5.30 -16.38
CA TRP A 222 1.07 5.95 -15.70
C TRP A 222 1.52 6.86 -14.55
N ILE A 223 2.38 6.34 -13.66
CA ILE A 223 2.78 7.13 -12.47
C ILE A 223 3.53 8.41 -12.91
N ASP A 224 4.52 8.26 -13.80
CA ASP A 224 5.29 9.41 -14.36
C ASP A 224 4.42 10.52 -14.95
N SER A 225 3.44 10.10 -15.73
N SER A 225 3.42 10.09 -15.70
CA SER A 225 2.51 11.06 -16.32
CA SER A 225 2.49 11.01 -16.35
C SER A 225 1.74 11.83 -15.27
C SER A 225 1.60 11.79 -15.39
N VAL A 226 1.05 11.11 -14.39
CA VAL A 226 0.23 11.75 -13.37
C VAL A 226 1.09 12.65 -12.48
N LEU A 227 2.23 12.14 -12.02
CA LEU A 227 3.15 12.97 -11.21
C LEU A 227 3.59 14.24 -11.91
N ALA A 228 3.70 14.20 -13.24
CA ALA A 228 4.04 15.38 -14.06
C ALA A 228 2.86 16.29 -14.45
N SER A 229 1.62 15.89 -14.17
CA SER A 229 0.45 16.60 -14.68
C SER A 229 0.13 17.89 -13.87
N ALA A 230 0.84 18.11 -12.77
CA ALA A 230 0.63 19.26 -11.89
C ALA A 230 1.19 20.51 -12.52
C4 8S5 B . -11.38 -0.14 -0.13
C14 8S5 B . -10.28 -8.52 3.59
C5 8S5 B . -11.46 -1.57 0.07
C6 8S5 B . -9.98 -2.75 1.78
C11 8S5 B . -9.88 -6.13 2.20
C7 8S5 B . -9.37 -5.07 1.42
C8 8S5 B . -8.06 -5.38 1.03
C9 8S5 B . -6.48 -7.27 1.49
C10 8S5 B . -8.86 -7.09 2.32
C12 8S5 B . -11.13 -6.40 2.78
C13 8S5 B . -11.31 -7.60 3.46
N1 8S5 B . -10.69 -1.72 1.32
N2 8S5 B . -10.04 -3.89 1.06
C3 8S5 B . -11.63 0.45 1.19
N3 8S5 B . -7.73 -6.61 1.62
O1 8S5 B . -12.30 -1.59 3.61
C1 8S5 B . -11.46 -0.72 3.45
C2 8S5 B . -10.86 -0.52 2.10
F1 8S5 B . -10.22 0.31 -0.74
N4 8S5 B . -5.70 -6.79 0.52
O2 8S5 B . -6.19 -8.24 2.15
C15 8S5 B . -9.04 -8.30 3.00
O3 8S5 B . -9.34 -2.69 2.86
N5 8S5 B . -11.02 0.08 4.44
C16 8S5 B . -11.49 0.15 5.79
C17 8S5 B . -12.84 0.15 6.12
C18 8S5 B . -13.22 0.26 7.46
C19 8S5 B . -12.29 0.40 8.47
C20 8S5 B . -10.93 0.42 8.12
O4 8S5 B . -9.97 0.62 9.15
C21 8S5 B . -9.43 -0.44 9.68
F2 8S5 B . -8.66 -0.01 10.68
F3 8S5 B . -8.73 -1.15 8.82
F4 8S5 B . -10.32 -1.26 10.16
C22 8S5 B . -10.53 0.32 6.80
#